data_6WYT
#
_entry.id   6WYT
#
_cell.length_a   62.420
_cell.length_b   66.690
_cell.length_c   124.000
_cell.angle_alpha   90.000
_cell.angle_beta   90.000
_cell.angle_gamma   90.000
#
_symmetry.space_group_name_H-M   'P 21 21 21'
#
loop_
_entity.id
_entity.type
_entity.pdbx_description
1 polymer 'MuSK1B heavy chain'
2 polymer 'MuSK1B light chain'
3 non-polymer GLYCEROL
4 non-polymer 2-acetamido-2-deoxy-beta-D-glucopyranose
5 water water
#
loop_
_entity_poly.entity_id
_entity_poly.type
_entity_poly.pdbx_seq_one_letter_code
_entity_poly.pdbx_strand_id
1 'polypeptide(L)'
;EVQLVEWGAGLLKPSETLSLTCAVYGGSFSGDYWWTWIRQPPGKGLEWIGEIDHTGNTNYNPSLKSRLTLSVDMSKNHFS
LKLTSVTAADTALYFCARQEGLGYYDSWGQGTLVTVSSASTKGPSVFPLAPSSKSTSGGTAALGCLVKDYFPEPVTVSWN
SGALTSGVHTFPAVLQSSGLYSLSSVVTVPSSSLGTQTYICNVNHKPSNTKVDKRVEPKSC
;
H
2 'polypeptide(L)'
;SYELTQSPSVSVSPGQTANITCSGDKLGDRYASWYQQKPAQSPVLVIYQDDRRPSGIPERFSGSNSGNTATLTISGTQGM
DEADYYCQAWDGTTVFGGGTKLTVLGQPKAAPSVTLFPPSSEELQANKATLVCLISDFYPGAVTVAWKADSSPVKAGVET
TTPSKQSNNKYAASSYLSLTPEQWKSHRSYSCQVTHEGSTVEKTVAPTECS
;
L
#
# COMPACT_ATOMS: atom_id res chain seq x y z
N GLU A 1 -3.75 12.85 28.30
CA GLU A 1 -2.94 11.98 27.40
C GLU A 1 -1.72 11.52 28.18
N VAL A 2 -1.08 10.47 27.67
CA VAL A 2 0.17 9.96 28.21
C VAL A 2 1.16 9.85 27.06
N GLN A 3 2.43 9.76 27.43
CA GLN A 3 3.50 9.64 26.46
C GLN A 3 3.93 8.19 26.38
N LEU A 4 3.96 7.64 25.17
CA LEU A 4 4.36 6.26 24.94
C LEU A 4 5.62 6.25 24.09
N VAL A 5 6.62 5.50 24.54
CA VAL A 5 7.94 5.45 23.93
C VAL A 5 8.26 3.98 23.68
N GLU A 6 8.33 3.57 22.43
CA GLU A 6 8.63 2.18 22.12
C GLU A 6 10.06 2.09 21.61
N TRP A 7 10.73 1.01 22.00
CA TRP A 7 12.03 0.64 21.48
C TRP A 7 11.97 -0.83 21.06
N GLY A 8 13.11 -1.33 20.63
CA GLY A 8 13.13 -2.60 19.96
C GLY A 8 13.92 -2.50 18.68
N ALA A 9 14.66 -3.56 18.38
CA ALA A 9 15.38 -3.64 17.12
C ALA A 9 14.38 -3.98 16.02
N GLY A 10 14.46 -3.26 14.90
CA GLY A 10 13.55 -3.47 13.80
C GLY A 10 13.99 -4.51 12.80
N LEU A 11 15.30 -4.69 12.65
CA LEU A 11 15.87 -5.52 11.60
C LEU A 11 15.97 -6.96 12.06
N LEU A 12 15.12 -7.84 11.52
CA LEU A 12 15.12 -9.21 12.00
C LEU A 12 14.69 -10.22 10.93
N LYS A 13 15.39 -11.35 10.93
CA LYS A 13 15.21 -12.40 9.94
C LYS A 13 13.91 -13.17 10.18
N PRO A 14 13.49 -14.01 9.23
CA PRO A 14 12.11 -14.54 9.27
C PRO A 14 11.96 -15.88 9.94
N SER A 15 10.72 -16.38 10.00
CA SER A 15 10.33 -17.64 10.63
C SER A 15 10.50 -17.59 12.15
N GLU A 16 11.01 -16.49 12.69
CA GLU A 16 11.41 -16.40 14.08
C GLU A 16 10.28 -15.85 14.93
N THR A 17 10.63 -15.19 16.02
CA THR A 17 9.68 -14.53 16.91
C THR A 17 10.11 -13.07 17.08
N LEU A 18 9.15 -12.15 17.02
CA LEU A 18 9.40 -10.72 17.14
C LEU A 18 9.11 -10.26 18.56
N SER A 19 9.92 -9.31 19.06
CA SER A 19 9.80 -8.82 20.43
C SER A 19 10.08 -7.32 20.49
N LEU A 20 9.14 -6.56 21.09
CA LEU A 20 9.23 -5.11 21.25
C LEU A 20 8.72 -4.74 22.64
N THR A 21 8.95 -3.49 23.05
CA THR A 21 8.53 -3.01 24.36
C THR A 21 8.17 -1.54 24.24
N CYS A 22 7.36 -1.07 25.21
CA CYS A 22 6.81 0.29 25.23
C CYS A 22 6.74 0.80 26.66
N ALA A 23 7.07 2.09 26.84
CA ALA A 23 7.15 2.74 28.16
C ALA A 23 6.22 3.93 28.25
N VAL A 24 5.62 4.12 29.43
CA VAL A 24 4.47 4.99 29.64
C VAL A 24 4.79 6.04 30.71
N TYR A 25 4.65 7.31 30.34
CA TYR A 25 4.94 8.44 31.23
C TYR A 25 3.67 9.27 31.44
N GLY A 26 3.38 9.56 32.70
CA GLY A 26 2.26 10.38 33.07
C GLY A 26 1.01 9.62 33.41
N GLY A 27 1.07 8.29 33.35
CA GLY A 27 -0.11 7.49 33.63
C GLY A 27 0.08 6.52 34.78
N SER A 28 -0.80 5.52 34.86
CA SER A 28 -0.67 4.44 35.81
C SER A 28 -1.31 3.21 35.19
N PHE A 29 -0.80 2.04 35.57
CA PHE A 29 -1.38 0.78 35.12
C PHE A 29 -2.44 0.36 36.12
N SER A 30 -3.61 0.97 35.96
CA SER A 30 -4.75 0.71 36.80
C SER A 30 -6.02 0.96 35.97
N GLY A 31 -7.17 0.76 36.61
CA GLY A 31 -8.41 1.12 35.95
C GLY A 31 -8.68 0.31 34.71
N ASP A 32 -9.30 0.95 33.73
CA ASP A 32 -9.87 0.23 32.61
C ASP A 32 -9.03 0.32 31.34
N TYR A 33 -7.80 0.80 31.42
CA TYR A 33 -7.03 0.97 30.19
C TYR A 33 -6.65 -0.37 29.58
N TRP A 34 -6.67 -0.43 28.27
CA TRP A 34 -6.17 -1.57 27.53
C TRP A 34 -4.93 -1.12 26.76
N TRP A 35 -3.80 -1.70 27.13
CA TRP A 35 -2.51 -1.38 26.53
C TRP A 35 -2.41 -2.20 25.25
N THR A 36 -2.22 -1.52 24.12
CA THR A 36 -2.58 -2.08 22.83
C THR A 36 -1.42 -2.01 21.87
N TRP A 37 -1.35 -3.00 21.00
CA TRP A 37 -0.46 -2.98 19.83
C TRP A 37 -1.30 -3.04 18.57
N ILE A 38 -0.93 -2.17 17.61
CA ILE A 38 -1.59 -1.99 16.32
C ILE A 38 -0.47 -1.93 15.30
N ARG A 39 -0.63 -2.57 14.15
CA ARG A 39 0.43 -2.53 13.15
C ARG A 39 -0.14 -2.08 11.82
N GLN A 40 0.76 -1.68 10.93
CA GLN A 40 0.41 -1.07 9.66
C GLN A 40 1.40 -1.59 8.63
N PRO A 41 1.02 -2.54 7.80
CA PRO A 41 1.89 -2.95 6.71
C PRO A 41 2.12 -1.76 5.79
N PRO A 42 3.26 -1.70 5.11
CA PRO A 42 3.53 -0.58 4.20
C PRO A 42 2.44 -0.40 3.15
N GLY A 43 1.95 0.83 3.01
CA GLY A 43 0.90 1.10 2.05
C GLY A 43 -0.48 0.63 2.43
N LYS A 44 -0.67 0.07 3.61
CA LYS A 44 -1.91 -0.55 4.03
C LYS A 44 -2.48 0.18 5.25
N GLY A 45 -3.56 -0.37 5.80
CA GLY A 45 -4.26 0.26 6.90
C GLY A 45 -3.79 -0.21 8.25
N LEU A 46 -4.49 0.26 9.27
CA LEU A 46 -4.21 -0.15 10.63
C LEU A 46 -4.88 -1.48 10.92
N GLU A 47 -4.16 -2.34 11.64
CA GLU A 47 -4.61 -3.67 12.02
C GLU A 47 -4.44 -3.80 13.52
N TRP A 48 -5.55 -3.90 14.25
CA TRP A 48 -5.51 -4.19 15.68
C TRP A 48 -4.92 -5.57 15.92
N ILE A 49 -3.89 -5.64 16.76
CA ILE A 49 -3.18 -6.88 17.05
C ILE A 49 -3.65 -7.50 18.37
N GLY A 50 -3.72 -6.70 19.42
CA GLY A 50 -3.97 -7.23 20.75
C GLY A 50 -3.88 -6.19 21.83
N GLU A 51 -4.40 -6.53 23.01
CA GLU A 51 -4.49 -5.63 24.15
C GLU A 51 -4.19 -6.43 25.42
N ILE A 52 -3.76 -5.72 26.46
CA ILE A 52 -3.55 -6.31 27.78
C ILE A 52 -3.95 -5.27 28.81
N ASP A 53 -4.56 -5.71 29.92
CA ASP A 53 -4.94 -4.81 30.99
C ASP A 53 -3.94 -4.94 32.13
N HIS A 54 -4.16 -4.22 33.22
CA HIS A 54 -3.14 -4.17 34.25
C HIS A 54 -3.05 -5.48 35.03
N THR A 55 -4.16 -6.22 35.13
CA THR A 55 -4.09 -7.52 35.79
C THR A 55 -3.37 -8.54 34.91
N GLY A 56 -3.40 -8.38 33.59
CA GLY A 56 -2.76 -9.30 32.69
C GLY A 56 -3.70 -10.09 31.81
N ASN A 57 -4.99 -9.79 31.84
CA ASN A 57 -5.90 -10.36 30.84
C ASN A 57 -5.48 -9.89 29.45
N THR A 58 -5.63 -10.76 28.47
CA THR A 58 -5.32 -10.38 27.10
C THR A 58 -6.46 -10.71 26.15
N ASN A 59 -6.49 -9.96 25.04
CA ASN A 59 -7.30 -10.30 23.89
C ASN A 59 -6.40 -10.14 22.68
N TYR A 60 -6.32 -11.18 21.86
CA TYR A 60 -5.53 -11.16 20.65
C TYR A 60 -6.43 -11.32 19.44
N ASN A 61 -5.99 -10.78 18.32
CA ASN A 61 -6.73 -10.91 17.10
C ASN A 61 -6.74 -12.37 16.64
N PRO A 62 -7.90 -12.96 16.40
CA PRO A 62 -7.92 -14.38 16.06
C PRO A 62 -6.91 -14.78 15.00
N SER A 63 -6.64 -13.91 14.02
CA SER A 63 -5.77 -14.27 12.91
C SER A 63 -4.39 -14.69 13.39
N LEU A 64 -3.96 -14.20 14.54
CA LEU A 64 -2.65 -14.55 15.07
C LEU A 64 -2.73 -14.88 16.56
N LYS A 65 -3.94 -14.91 17.13
CA LYS A 65 -4.11 -15.13 18.57
C LYS A 65 -3.28 -16.31 19.06
N SER A 66 -3.09 -17.31 18.23
CA SER A 66 -2.31 -18.46 18.67
C SER A 66 -0.84 -18.10 18.87
N ARG A 67 -0.34 -17.11 18.14
CA ARG A 67 1.09 -16.86 18.04
C ARG A 67 1.56 -15.61 18.76
N LEU A 68 0.67 -14.89 19.43
CA LEU A 68 1.00 -13.59 20.01
C LEU A 68 0.83 -13.62 21.51
N THR A 69 1.84 -13.14 22.24
CA THR A 69 1.74 -13.01 23.68
C THR A 69 2.10 -11.58 24.09
N LEU A 70 1.22 -10.96 24.86
CA LEU A 70 1.44 -9.66 25.46
C LEU A 70 1.74 -9.80 26.94
N SER A 71 2.56 -8.89 27.45
CA SER A 71 2.92 -8.92 28.86
C SER A 71 3.14 -7.50 29.34
N VAL A 72 3.09 -7.35 30.65
CA VAL A 72 3.23 -6.05 31.30
C VAL A 72 4.22 -6.19 32.45
N ASP A 73 5.12 -5.23 32.58
CA ASP A 73 5.92 -5.05 33.79
C ASP A 73 5.30 -3.88 34.53
N MET A 74 4.37 -4.16 35.43
CA MET A 74 3.65 -3.10 36.12
C MET A 74 4.59 -2.22 36.95
N SER A 75 5.75 -2.75 37.36
CA SER A 75 6.63 -2.01 38.24
C SER A 75 7.16 -0.75 37.57
N LYS A 76 7.61 -0.87 36.33
CA LYS A 76 8.21 0.25 35.59
C LYS A 76 7.28 0.81 34.52
N ASN A 77 5.99 0.52 34.60
CA ASN A 77 5.02 0.98 33.61
C ASN A 77 5.52 0.69 32.19
N HIS A 78 5.76 -0.59 31.92
CA HIS A 78 6.13 -1.08 30.60
C HIS A 78 5.15 -2.17 30.16
N PHE A 79 4.89 -2.27 28.86
CA PHE A 79 4.31 -3.47 28.31
C PHE A 79 5.06 -3.88 27.04
N SER A 80 4.94 -5.15 26.69
N SER A 80 4.94 -5.14 26.68
CA SER A 80 5.79 -5.74 25.66
CA SER A 80 5.78 -5.72 25.65
C SER A 80 4.99 -6.70 24.80
C SER A 80 5.01 -6.72 24.81
N LEU A 81 5.54 -7.00 23.63
CA LEU A 81 4.91 -7.83 22.62
C LEU A 81 5.84 -8.96 22.21
N LYS A 82 5.26 -10.14 21.90
CA LYS A 82 6.02 -11.27 21.36
C LYS A 82 5.17 -12.03 20.34
N LEU A 83 5.65 -12.11 19.09
CA LEU A 83 4.92 -12.77 18.00
C LEU A 83 5.73 -13.95 17.46
N THR A 84 5.09 -15.13 17.40
CA THR A 84 5.80 -16.35 17.01
C THR A 84 5.50 -16.75 15.56
N SER A 85 6.47 -17.46 14.98
CA SER A 85 6.42 -17.96 13.59
C SER A 85 6.08 -16.83 12.60
N VAL A 86 7.04 -15.93 12.43
CA VAL A 86 6.81 -14.71 11.64
C VAL A 86 7.29 -14.89 10.21
N THR A 87 7.15 -13.83 9.41
CA THR A 87 7.50 -13.86 8.01
C THR A 87 7.98 -12.46 7.60
N ALA A 88 8.07 -12.23 6.29
CA ALA A 88 8.10 -10.86 5.80
C ALA A 88 6.72 -10.21 5.90
N ALA A 89 5.65 -11.02 5.96
CA ALA A 89 4.28 -10.51 6.07
C ALA A 89 4.01 -9.84 7.40
N ASP A 90 4.88 -10.02 8.38
CA ASP A 90 4.85 -9.26 9.62
C ASP A 90 5.68 -7.98 9.50
N THR A 91 6.27 -7.71 8.33
CA THR A 91 6.87 -6.41 8.14
C THR A 91 5.73 -5.40 8.24
N ALA A 92 5.98 -4.34 8.99
CA ALA A 92 4.93 -3.41 9.31
C ALA A 92 5.55 -2.39 10.24
N LEU A 93 4.90 -1.24 10.31
CA LEU A 93 5.17 -0.26 11.33
C LEU A 93 4.32 -0.67 12.52
N TYR A 94 4.95 -0.89 13.66
CA TYR A 94 4.26 -1.35 14.87
C TYR A 94 4.13 -0.20 15.85
N PHE A 95 2.90 0.09 16.29
CA PHE A 95 2.62 1.15 17.24
C PHE A 95 2.15 0.53 18.54
N CYS A 96 2.58 1.09 19.67
CA CYS A 96 1.91 0.83 20.95
C CYS A 96 0.95 1.98 21.17
N ALA A 97 -0.15 1.71 21.88
CA ALA A 97 -1.17 2.73 22.09
C ALA A 97 -1.94 2.42 23.36
N ARG A 98 -2.56 3.46 23.92
CA ARG A 98 -3.42 3.31 25.10
C ARG A 98 -4.87 3.44 24.68
N GLN A 99 -5.66 2.43 24.96
CA GLN A 99 -7.11 2.51 24.82
C GLN A 99 -7.72 3.04 26.11
N GLU A 100 -8.50 4.10 25.99
CA GLU A 100 -9.11 4.77 27.13
C GLU A 100 -10.52 4.20 27.28
N GLY A 101 -11.43 4.99 27.80
CA GLY A 101 -12.67 4.45 28.31
C GLY A 101 -13.57 3.78 27.30
N LEU A 102 -14.30 4.59 26.54
CA LEU A 102 -15.27 4.08 25.58
C LEU A 102 -14.62 3.76 24.22
N GLY A 103 -13.45 3.10 24.25
CA GLY A 103 -12.90 2.41 23.10
C GLY A 103 -12.12 3.23 22.10
N TYR A 104 -11.46 4.31 22.52
CA TYR A 104 -10.68 5.13 21.60
C TYR A 104 -9.23 5.15 22.06
N TYR A 105 -8.32 5.38 21.11
CA TYR A 105 -6.87 5.28 21.33
C TYR A 105 -6.36 6.70 21.44
N ASP A 106 -6.22 7.19 22.68
CA ASP A 106 -5.93 8.61 22.86
C ASP A 106 -4.44 8.90 22.72
N SER A 107 -3.60 7.93 23.01
CA SER A 107 -2.15 8.13 23.06
C SER A 107 -1.49 7.03 22.27
N TRP A 108 -0.52 7.40 21.42
CA TRP A 108 0.16 6.49 20.55
C TRP A 108 1.66 6.69 20.69
N GLY A 109 2.39 5.62 20.58
CA GLY A 109 3.83 5.71 20.43
C GLY A 109 4.20 6.14 19.03
N GLN A 110 5.49 6.41 18.86
CA GLN A 110 6.01 6.93 17.59
C GLN A 110 5.97 5.90 16.48
N GLY A 111 5.90 4.62 16.79
CA GLY A 111 5.99 3.57 15.80
C GLY A 111 7.42 3.08 15.71
N THR A 112 7.56 1.77 15.42
CA THR A 112 8.89 1.18 15.16
C THR A 112 8.77 0.31 13.91
N LEU A 113 9.73 0.44 13.01
CA LEU A 113 9.60 -0.28 11.76
C LEU A 113 10.24 -1.66 11.91
N VAL A 114 9.47 -2.68 11.55
CA VAL A 114 9.93 -4.06 11.60
C VAL A 114 10.19 -4.51 10.16
N THR A 115 11.33 -4.10 9.61
CA THR A 115 11.79 -4.60 8.31
C THR A 115 12.40 -5.98 8.53
N VAL A 116 11.84 -6.99 7.88
CA VAL A 116 12.25 -8.37 8.08
C VAL A 116 13.10 -8.79 6.90
N SER A 117 14.39 -9.04 7.18
CA SER A 117 15.32 -9.56 6.17
C SER A 117 15.04 -11.04 5.95
N SER A 118 14.03 -11.31 5.13
CA SER A 118 13.74 -12.68 4.71
C SER A 118 14.65 -13.09 3.56
N ALA A 119 14.97 -12.14 2.70
CA ALA A 119 15.78 -12.34 1.52
C ALA A 119 17.25 -11.97 1.78
N SER A 120 18.08 -12.35 0.81
CA SER A 120 19.50 -12.03 0.79
C SER A 120 19.82 -11.45 -0.58
N THR A 121 21.08 -11.07 -0.79
CA THR A 121 21.46 -10.51 -2.08
C THR A 121 21.04 -11.45 -3.21
N LYS A 122 20.29 -10.89 -4.17
CA LYS A 122 19.85 -11.64 -5.34
C LYS A 122 19.77 -10.73 -6.54
N GLY A 123 20.36 -11.17 -7.66
CA GLY A 123 20.33 -10.43 -8.89
C GLY A 123 19.02 -10.68 -9.60
N PRO A 124 18.65 -9.73 -10.45
CA PRO A 124 17.37 -9.80 -11.14
C PRO A 124 17.38 -10.73 -12.34
N SER A 125 16.19 -11.27 -12.63
CA SER A 125 15.84 -11.74 -13.96
C SER A 125 15.33 -10.58 -14.79
N VAL A 126 15.70 -10.54 -16.06
CA VAL A 126 15.31 -9.43 -16.91
C VAL A 126 14.55 -9.99 -18.11
N PHE A 127 13.32 -9.52 -18.30
CA PHE A 127 12.54 -9.98 -19.43
C PHE A 127 12.17 -8.83 -20.35
N PRO A 128 12.15 -9.06 -21.66
CA PRO A 128 11.78 -7.97 -22.58
C PRO A 128 10.27 -7.78 -22.60
N LEU A 129 9.84 -6.54 -22.70
CA LEU A 129 8.40 -6.23 -22.89
C LEU A 129 8.25 -5.72 -24.31
N ALA A 130 7.81 -6.60 -25.20
CA ALA A 130 7.86 -6.33 -26.63
C ALA A 130 6.91 -5.19 -27.01
N PRO A 131 7.22 -4.46 -28.06
CA PRO A 131 6.53 -3.18 -28.30
C PRO A 131 5.04 -3.33 -28.56
N SER A 132 4.28 -2.37 -28.00
CA SER A 132 2.85 -2.30 -28.24
CA SER A 132 2.85 -2.30 -28.24
C SER A 132 2.44 -0.86 -28.51
N SER A 133 1.59 -0.65 -29.52
CA SER A 133 1.06 0.67 -29.86
C SER A 133 -0.32 0.96 -29.28
N LYS A 134 -0.85 0.07 -28.47
CA LYS A 134 -2.25 0.15 -28.10
C LYS A 134 -2.52 1.34 -27.18
N SER A 135 -1.58 1.70 -26.34
CA SER A 135 -1.81 2.72 -25.31
CA SER A 135 -1.84 2.72 -25.33
C SER A 135 -1.04 4.01 -25.54
N THR A 136 -0.39 4.17 -26.70
CA THR A 136 0.50 5.30 -26.93
C THR A 136 -0.09 6.25 -27.96
N SER A 137 0.55 7.40 -28.13
CA SER A 137 0.10 8.35 -29.14
C SER A 137 0.35 7.81 -30.55
N GLY A 138 -0.27 8.45 -31.53
CA GLY A 138 -0.19 7.97 -32.90
C GLY A 138 1.27 7.91 -33.36
N GLY A 139 1.58 6.87 -34.11
CA GLY A 139 2.91 6.69 -34.65
C GLY A 139 3.99 6.31 -33.65
N THR A 140 3.64 5.95 -32.43
CA THR A 140 4.64 5.52 -31.47
C THR A 140 4.26 4.15 -30.89
N ALA A 141 5.25 3.54 -30.24
CA ALA A 141 5.03 2.29 -29.53
C ALA A 141 5.77 2.29 -28.21
N ALA A 142 5.24 1.57 -27.23
CA ALA A 142 5.91 1.43 -25.96
C ALA A 142 6.51 0.03 -25.84
N LEU A 143 7.76 -0.03 -25.45
CA LEU A 143 8.48 -1.29 -25.18
C LEU A 143 9.25 -1.13 -23.89
N GLY A 144 9.64 -2.26 -23.27
CA GLY A 144 10.35 -2.09 -22.02
C GLY A 144 11.10 -3.32 -21.58
N CYS A 145 11.51 -3.28 -20.32
CA CYS A 145 12.16 -4.39 -19.62
C CYS A 145 11.51 -4.53 -18.23
N LEU A 146 11.19 -5.77 -17.91
CA LEU A 146 10.76 -6.21 -16.58
C LEU A 146 11.98 -6.72 -15.82
N VAL A 147 12.26 -6.07 -14.69
CA VAL A 147 13.41 -6.36 -13.86
C VAL A 147 12.86 -7.01 -12.60
N LYS A 148 12.94 -8.33 -12.54
N LYS A 148 12.88 -8.33 -12.54
CA LYS A 148 12.15 -9.15 -11.61
CA LYS A 148 12.10 -9.06 -11.55
C LYS A 148 13.02 -9.76 -10.51
C LYS A 148 12.98 -9.75 -10.52
N ASP A 149 12.53 -9.65 -9.26
CA ASP A 149 13.01 -10.44 -8.14
C ASP A 149 14.48 -10.21 -7.80
N TYR A 150 14.79 -8.98 -7.42
CA TYR A 150 16.14 -8.64 -6.97
C TYR A 150 16.11 -8.11 -5.55
N PHE A 151 17.29 -8.10 -4.93
CA PHE A 151 17.45 -7.58 -3.57
C PHE A 151 18.92 -7.34 -3.26
N PRO A 152 19.28 -6.26 -2.55
CA PRO A 152 18.39 -5.16 -2.15
C PRO A 152 18.30 -4.14 -3.27
N GLU A 153 17.65 -3.02 -3.02
CA GLU A 153 17.75 -1.88 -3.93
C GLU A 153 19.20 -1.37 -3.88
N PRO A 154 19.64 -0.65 -4.92
CA PRO A 154 18.90 -0.23 -6.10
C PRO A 154 19.29 -1.00 -7.36
N VAL A 155 18.47 -0.89 -8.41
CA VAL A 155 18.92 -1.21 -9.76
C VAL A 155 18.88 0.07 -10.58
N THR A 156 19.73 0.14 -11.57
CA THR A 156 19.67 1.20 -12.56
C THR A 156 19.34 0.59 -13.92
N VAL A 157 18.63 1.35 -14.74
CA VAL A 157 18.26 0.95 -16.09
C VAL A 157 18.55 2.14 -17.01
N SER A 158 19.36 1.90 -18.04
CA SER A 158 19.53 2.81 -19.14
C SER A 158 19.03 2.10 -20.39
N TRP A 159 18.91 2.85 -21.48
CA TRP A 159 18.55 2.34 -22.78
C TRP A 159 19.58 2.69 -23.80
N ASN A 160 19.94 1.70 -24.64
CA ASN A 160 20.98 1.89 -25.68
C ASN A 160 22.22 2.58 -25.12
N SER A 161 22.66 2.10 -23.95
CA SER A 161 23.86 2.57 -23.28
C SER A 161 23.83 4.05 -22.96
N GLY A 162 22.62 4.57 -22.79
CA GLY A 162 22.41 5.94 -22.43
C GLY A 162 22.20 6.86 -23.61
N ALA A 163 22.28 6.34 -24.84
CA ALA A 163 21.98 7.16 -26.01
C ALA A 163 20.49 7.49 -26.09
N LEU A 164 19.64 6.66 -25.51
CA LEU A 164 18.19 6.83 -25.57
C LEU A 164 17.67 7.27 -24.22
N THR A 165 17.27 8.55 -24.12
CA THR A 165 16.74 9.10 -22.89
C THR A 165 15.34 9.64 -23.05
N SER A 166 15.03 10.19 -24.22
CA SER A 166 13.69 10.76 -24.44
C SER A 166 12.65 9.65 -24.38
N GLY A 167 11.59 9.90 -23.62
CA GLY A 167 10.46 8.99 -23.57
C GLY A 167 10.62 7.79 -22.66
N VAL A 168 11.67 7.75 -21.84
CA VAL A 168 11.94 6.64 -20.91
C VAL A 168 11.20 6.92 -19.60
N HIS A 169 10.49 5.93 -19.08
CA HIS A 169 9.89 6.04 -17.74
C HIS A 169 10.22 4.76 -16.98
N THR A 170 11.11 4.87 -16.01
CA THR A 170 11.44 3.76 -15.14
C THR A 170 10.66 3.92 -13.86
N PHE A 171 9.85 2.94 -13.54
CA PHE A 171 8.87 3.06 -12.46
C PHE A 171 9.48 2.65 -11.14
N PRO A 172 9.04 3.26 -10.04
CA PRO A 172 9.51 2.81 -8.73
C PRO A 172 9.20 1.35 -8.57
N ALA A 173 10.09 0.68 -7.82
CA ALA A 173 9.98 -0.74 -7.63
C ALA A 173 8.85 -1.09 -6.68
N VAL A 174 8.27 -2.26 -6.89
CA VAL A 174 7.36 -2.84 -5.91
C VAL A 174 8.19 -3.71 -4.98
N LEU A 175 7.92 -3.65 -3.68
CA LEU A 175 8.47 -4.60 -2.73
C LEU A 175 7.44 -5.69 -2.45
N GLN A 176 7.71 -6.86 -2.99
CA GLN A 176 6.77 -7.96 -3.02
C GLN A 176 6.73 -8.64 -1.66
N SER A 177 5.73 -9.49 -1.49
CA SER A 177 5.59 -10.20 -0.22
C SER A 177 6.75 -11.13 0.01
N SER A 178 7.39 -11.58 -1.07
CA SER A 178 8.55 -12.44 -0.96
C SER A 178 9.75 -11.73 -0.33
N GLY A 179 9.70 -10.42 -0.14
CA GLY A 179 10.84 -9.63 0.25
C GLY A 179 11.75 -9.19 -0.88
N LEU A 180 11.43 -9.56 -2.12
CA LEU A 180 12.22 -9.14 -3.28
C LEU A 180 11.51 -8.01 -4.03
N TYR A 181 12.32 -7.24 -4.76
CA TYR A 181 11.87 -6.11 -5.54
C TYR A 181 11.68 -6.51 -6.99
N SER A 182 10.76 -5.82 -7.66
CA SER A 182 10.67 -5.86 -9.12
C SER A 182 10.37 -4.45 -9.62
N LEU A 183 10.84 -4.12 -10.82
CA LEU A 183 10.44 -2.84 -11.39
C LEU A 183 10.37 -3.02 -12.90
N SER A 184 9.83 -2.00 -13.57
CA SER A 184 9.72 -2.00 -15.02
C SER A 184 10.23 -0.68 -15.56
N SER A 185 10.89 -0.73 -16.70
CA SER A 185 11.30 0.47 -17.44
C SER A 185 10.73 0.39 -18.84
N VAL A 186 10.08 1.46 -19.28
CA VAL A 186 9.38 1.51 -20.56
CA VAL A 186 9.42 1.49 -20.58
C VAL A 186 9.89 2.74 -21.33
N VAL A 187 9.95 2.61 -22.63
CA VAL A 187 10.30 3.76 -23.46
C VAL A 187 9.31 3.79 -24.63
N THR A 188 8.87 4.99 -24.97
CA THR A 188 8.01 5.20 -26.14
C THR A 188 8.87 5.68 -27.29
N VAL A 189 8.80 4.98 -28.42
CA VAL A 189 9.66 5.22 -29.58
C VAL A 189 8.81 5.29 -30.83
N PRO A 190 9.35 5.83 -31.92
CA PRO A 190 8.61 5.81 -33.19
C PRO A 190 8.33 4.40 -33.67
N SER A 191 7.09 4.18 -34.11
CA SER A 191 6.75 2.88 -34.68
C SER A 191 7.59 2.55 -35.91
N SER A 192 7.96 3.54 -36.72
CA SER A 192 8.71 3.26 -37.93
C SER A 192 10.10 2.73 -37.64
N SER A 193 10.59 2.96 -36.43
CA SER A 193 11.96 2.61 -36.07
C SER A 193 12.09 1.14 -35.74
N LEU A 194 10.96 0.45 -35.50
CA LEU A 194 10.98 -0.85 -34.82
C LEU A 194 11.70 -1.89 -35.66
N GLY A 195 11.55 -1.84 -36.97
CA GLY A 195 12.29 -2.79 -37.79
C GLY A 195 13.77 -2.47 -38.03
N THR A 196 14.23 -1.25 -37.72
CA THR A 196 15.61 -0.89 -38.02
C THR A 196 16.44 -0.48 -36.81
N GLN A 197 15.83 0.09 -35.77
CA GLN A 197 16.58 0.50 -34.58
C GLN A 197 16.53 -0.61 -33.54
N THR A 198 17.72 -1.02 -33.07
CA THR A 198 17.81 -1.97 -31.97
C THR A 198 17.60 -1.26 -30.63
N TYR A 199 16.79 -1.86 -29.76
CA TYR A 199 16.56 -1.34 -28.41
C TYR A 199 17.06 -2.35 -27.40
N ILE A 200 17.94 -1.90 -26.50
CA ILE A 200 18.55 -2.73 -25.46
C ILE A 200 18.44 -1.96 -24.16
N CYS A 201 17.88 -2.61 -23.14
CA CYS A 201 17.93 -2.05 -21.80
C CYS A 201 19.13 -2.55 -21.06
N ASN A 202 19.88 -1.61 -20.46
CA ASN A 202 21.09 -1.91 -19.69
C ASN A 202 20.75 -1.89 -18.20
N VAL A 203 20.67 -3.07 -17.60
CA VAL A 203 20.28 -3.24 -16.21
C VAL A 203 21.52 -3.51 -15.38
N ASN A 204 21.71 -2.74 -14.34
CA ASN A 204 22.87 -2.91 -13.47
C ASN A 204 22.36 -3.03 -12.04
N HIS A 205 22.74 -4.12 -11.37
CA HIS A 205 22.39 -4.38 -9.98
C HIS A 205 23.71 -4.53 -9.23
N LYS A 206 24.23 -3.42 -8.74
CA LYS A 206 25.55 -3.46 -8.09
C LYS A 206 25.56 -4.33 -6.85
N PRO A 207 24.53 -4.37 -6.02
CA PRO A 207 24.63 -5.21 -4.81
C PRO A 207 24.93 -6.66 -5.09
N SER A 208 24.50 -7.22 -6.23
CA SER A 208 24.83 -8.60 -6.57
C SER A 208 25.88 -8.71 -7.65
N ASN A 209 26.44 -7.59 -8.10
CA ASN A 209 27.43 -7.63 -9.15
C ASN A 209 26.89 -8.27 -10.41
N THR A 210 25.67 -7.91 -10.75
CA THR A 210 25.00 -8.45 -11.93
C THR A 210 24.72 -7.34 -12.94
N LYS A 211 25.04 -7.61 -14.19
CA LYS A 211 24.64 -6.74 -15.30
C LYS A 211 23.95 -7.57 -16.37
N VAL A 212 22.91 -6.98 -16.96
CA VAL A 212 22.18 -7.60 -18.06
C VAL A 212 21.91 -6.52 -19.10
N ASP A 213 22.22 -6.84 -20.34
CA ASP A 213 21.83 -6.01 -21.47
C ASP A 213 20.82 -6.82 -22.24
N LYS A 214 19.56 -6.46 -22.18
CA LYS A 214 18.48 -7.25 -22.78
C LYS A 214 17.99 -6.57 -24.05
N ARG A 215 18.13 -7.25 -25.18
CA ARG A 215 17.57 -6.83 -26.46
C ARG A 215 16.07 -7.05 -26.47
N VAL A 216 15.32 -6.03 -26.89
CA VAL A 216 13.86 -6.03 -26.87
C VAL A 216 13.42 -5.99 -28.32
N GLU A 217 13.07 -7.14 -28.88
CA GLU A 217 12.71 -7.26 -30.28
C GLU A 217 11.20 -7.20 -30.45
N PRO A 218 10.69 -6.61 -31.54
CA PRO A 218 9.25 -6.72 -31.84
C PRO A 218 8.87 -8.19 -31.92
N LYS A 219 7.62 -8.51 -31.62
CA LYS A 219 7.20 -9.89 -31.78
C LYS A 219 6.14 -9.98 -32.87
N SER A 220 6.05 -11.14 -33.49
CA SER A 220 5.20 -11.34 -34.67
C SER A 220 4.20 -12.48 -34.49
N SER B 1 -17.46 -12.30 11.54
CA SER B 1 -16.38 -11.27 11.35
C SER B 1 -17.00 -9.92 10.97
N TYR B 2 -16.62 -8.87 11.69
CA TYR B 2 -17.25 -7.57 11.57
C TYR B 2 -16.40 -6.63 10.72
N GLU B 3 -17.08 -5.76 9.97
CA GLU B 3 -16.43 -5.05 8.86
C GLU B 3 -16.90 -3.60 8.78
N LEU B 4 -15.95 -2.68 8.84
CA LEU B 4 -16.22 -1.28 8.55
C LEU B 4 -15.69 -0.97 7.16
N THR B 5 -16.52 -0.36 6.34
CA THR B 5 -16.20 0.01 4.97
C THR B 5 -15.97 1.51 4.87
N GLN B 6 -14.79 1.94 4.37
CA GLN B 6 -14.62 3.32 3.94
C GLN B 6 -14.04 3.34 2.53
N SER B 7 -14.40 4.38 1.80
CA SER B 7 -13.85 4.59 0.46
C SER B 7 -12.36 4.90 0.56
N PRO B 8 -11.54 4.41 -0.38
CA PRO B 8 -10.09 4.60 -0.24
C PRO B 8 -9.61 6.01 -0.50
N SER B 9 -10.38 6.85 -1.19
CA SER B 9 -9.92 8.15 -1.62
C SER B 9 -11.08 9.11 -1.73
N VAL B 10 -10.87 10.33 -1.23
CA VAL B 10 -11.76 11.47 -1.36
C VAL B 10 -10.91 12.69 -1.72
N SER B 11 -11.41 13.54 -2.60
CA SER B 11 -10.73 14.82 -2.88
C SER B 11 -11.72 15.95 -2.67
N VAL B 12 -11.20 17.09 -2.24
CA VAL B 12 -11.98 18.28 -1.93
CA VAL B 12 -11.98 18.28 -1.94
C VAL B 12 -11.18 19.49 -2.39
N SER B 13 -11.89 20.54 -2.82
CA SER B 13 -11.19 21.78 -3.13
C SER B 13 -10.90 22.55 -1.85
N PRO B 14 -9.80 23.29 -1.82
CA PRO B 14 -9.45 24.05 -0.61
C PRO B 14 -10.62 24.91 -0.17
N GLY B 15 -10.91 24.90 1.13
CA GLY B 15 -11.98 25.67 1.69
C GLY B 15 -13.33 24.99 1.62
N GLN B 16 -13.45 23.90 0.88
CA GLN B 16 -14.70 23.16 0.84
C GLN B 16 -14.78 22.18 2.02
N THR B 17 -15.99 21.69 2.25
CA THR B 17 -16.23 20.71 3.31
C THR B 17 -15.97 19.32 2.78
N ALA B 18 -15.18 18.55 3.52
CA ALA B 18 -14.90 17.17 3.18
C ALA B 18 -15.71 16.30 4.13
N ASN B 19 -16.41 15.31 3.60
CA ASN B 19 -17.09 14.28 4.37
C ASN B 19 -16.39 12.95 4.11
N ILE B 20 -15.97 12.28 5.19
CA ILE B 20 -15.36 10.96 5.11
C ILE B 20 -16.28 10.02 5.87
N THR B 21 -16.72 8.95 5.20
CA THR B 21 -17.76 8.10 5.78
C THR B 21 -17.29 6.68 5.98
N CYS B 22 -17.93 6.04 6.94
CA CYS B 22 -17.58 4.69 7.36
CA CYS B 22 -17.58 4.71 7.38
C CYS B 22 -18.89 4.01 7.69
N SER B 23 -19.11 2.84 7.09
CA SER B 23 -20.35 2.11 7.29
C SER B 23 -20.13 0.71 7.81
N GLY B 24 -21.09 0.25 8.61
CA GLY B 24 -21.04 -1.08 9.16
C GLY B 24 -22.39 -1.43 9.75
N ASP B 25 -22.72 -2.70 9.77
CA ASP B 25 -24.01 -3.12 10.31
C ASP B 25 -24.12 -2.71 11.77
N LYS B 26 -25.24 -2.07 12.10
CA LYS B 26 -25.51 -1.61 13.45
C LYS B 26 -24.36 -0.80 14.01
N LEU B 27 -23.65 -0.08 13.13
CA LEU B 27 -22.60 0.82 13.57
C LEU B 27 -23.13 1.85 14.56
N GLY B 28 -24.43 2.18 14.47
CA GLY B 28 -25.03 3.08 15.42
C GLY B 28 -25.03 2.56 16.84
N ASP B 29 -24.89 1.25 17.03
CA ASP B 29 -24.84 0.69 18.37
C ASP B 29 -23.44 0.76 18.96
N ARG B 30 -22.45 1.05 18.14
CA ARG B 30 -21.04 1.07 18.49
C ARG B 30 -20.54 2.51 18.55
N TYR B 31 -19.42 2.71 19.27
CA TYR B 31 -18.84 4.04 19.44
C TYR B 31 -17.81 4.22 18.37
N ALA B 32 -17.92 5.30 17.58
CA ALA B 32 -16.99 5.54 16.49
C ALA B 32 -15.93 6.55 16.87
N SER B 33 -14.71 6.30 16.44
CA SER B 33 -13.63 7.26 16.59
CA SER B 33 -13.61 7.24 16.60
C SER B 33 -12.92 7.40 15.25
N TRP B 34 -12.22 8.52 15.11
CA TRP B 34 -11.49 8.87 13.88
C TRP B 34 -10.06 9.25 14.19
N TYR B 35 -9.15 8.85 13.31
CA TYR B 35 -7.72 9.10 13.42
C TYR B 35 -7.22 9.72 12.13
N GLN B 36 -6.41 10.76 12.28
CA GLN B 36 -5.72 11.41 11.17
C GLN B 36 -4.28 10.92 11.18
N GLN B 37 -3.79 10.47 10.04
CA GLN B 37 -2.42 9.97 9.90
C GLN B 37 -1.73 10.64 8.71
N LYS B 38 -0.75 11.40 9.00
CA LYS B 38 0.14 11.95 7.97
C LYS B 38 1.34 11.02 7.77
N PRO B 39 2.07 11.18 6.65
CA PRO B 39 3.06 10.17 6.26
C PRO B 39 4.15 9.93 7.29
N ALA B 40 4.46 8.66 7.54
CA ALA B 40 5.45 8.27 8.53
C ALA B 40 5.23 9.01 9.85
N GLN B 41 4.00 8.93 10.34
CA GLN B 41 3.67 9.56 11.61
C GLN B 41 2.59 8.74 12.27
N SER B 42 2.49 8.92 13.57
CA SER B 42 1.50 8.20 14.36
C SER B 42 0.10 8.76 14.06
N PRO B 43 -0.91 7.91 13.97
CA PRO B 43 -2.29 8.41 13.91
C PRO B 43 -2.56 9.34 15.07
N VAL B 44 -3.43 10.32 14.83
CA VAL B 44 -3.82 11.29 15.84
C VAL B 44 -5.32 11.23 16.00
N LEU B 45 -5.78 11.08 17.22
CA LEU B 45 -7.21 11.02 17.48
C LEU B 45 -7.84 12.38 17.20
N VAL B 46 -8.82 12.45 16.29
CA VAL B 46 -9.49 13.72 16.03
C VAL B 46 -10.96 13.71 16.47
N ILE B 47 -11.60 12.54 16.56
CA ILE B 47 -12.96 12.44 17.09
C ILE B 47 -13.06 11.12 17.86
N TYR B 48 -13.75 11.13 19.01
CA TYR B 48 -14.02 9.93 19.80
C TYR B 48 -15.47 9.95 20.29
N GLN B 49 -15.97 8.79 20.70
CA GLN B 49 -17.35 8.70 21.18
C GLN B 49 -18.33 9.37 20.22
N ASP B 50 -18.20 9.01 18.94
CA ASP B 50 -19.06 9.44 17.84
C ASP B 50 -18.86 10.91 17.46
N ASP B 51 -18.83 11.81 18.43
CA ASP B 51 -18.90 13.23 18.07
C ASP B 51 -18.13 14.14 19.01
N ARG B 52 -17.22 13.61 19.82
CA ARG B 52 -16.47 14.45 20.76
C ARG B 52 -15.10 14.76 20.19
N ARG B 53 -14.60 15.97 20.45
CA ARG B 53 -13.34 16.44 19.90
C ARG B 53 -12.31 16.62 20.99
N PRO B 54 -11.15 15.97 20.92
CA PRO B 54 -10.11 16.20 21.93
C PRO B 54 -9.75 17.67 22.00
N SER B 55 -9.29 18.10 23.17
CA SER B 55 -8.67 19.41 23.31
C SER B 55 -7.56 19.55 22.29
N GLY B 56 -7.52 20.68 21.61
CA GLY B 56 -6.45 20.94 20.68
C GLY B 56 -6.71 20.53 19.26
N ILE B 57 -7.78 19.80 19.00
CA ILE B 57 -8.19 19.49 17.62
C ILE B 57 -9.04 20.67 17.14
N PRO B 58 -8.81 21.16 15.92
CA PRO B 58 -9.56 22.33 15.43
C PRO B 58 -11.06 22.12 15.38
N GLU B 59 -11.82 23.22 15.58
CA GLU B 59 -13.27 23.11 15.62
C GLU B 59 -13.87 22.70 14.28
N ARG B 60 -13.13 22.87 13.17
CA ARG B 60 -13.67 22.47 11.87
C ARG B 60 -13.78 20.97 11.69
N PHE B 61 -13.26 20.17 12.64
CA PHE B 61 -13.46 18.74 12.66
C PHE B 61 -14.70 18.43 13.50
N SER B 62 -15.63 17.66 12.93
CA SER B 62 -16.81 17.24 13.67
C SER B 62 -17.14 15.81 13.26
N GLY B 63 -17.89 15.09 14.08
CA GLY B 63 -18.26 13.74 13.75
C GLY B 63 -19.72 13.46 14.08
N SER B 64 -20.26 12.43 13.41
CA SER B 64 -21.62 11.95 13.70
C SER B 64 -21.68 10.45 13.49
N ASN B 65 -22.64 9.81 14.14
CA ASN B 65 -22.87 8.37 13.96
C ASN B 65 -24.39 8.19 13.96
N SER B 66 -24.96 8.05 12.76
CA SER B 66 -26.40 7.97 12.60
C SER B 66 -26.69 7.30 11.27
N GLY B 67 -27.78 6.54 11.25
CA GLY B 67 -28.10 5.77 10.07
C GLY B 67 -27.12 4.66 9.78
N ASN B 68 -26.33 4.27 10.79
CA ASN B 68 -25.33 3.20 10.65
C ASN B 68 -24.17 3.60 9.77
N THR B 69 -23.91 4.89 9.77
CA THR B 69 -22.78 5.45 9.05
C THR B 69 -22.15 6.45 10.01
N ALA B 70 -20.85 6.33 10.24
CA ALA B 70 -20.09 7.35 10.94
C ALA B 70 -19.50 8.29 9.90
N THR B 71 -19.60 9.59 10.17
CA THR B 71 -19.07 10.60 9.25
C THR B 71 -18.17 11.57 9.96
N LEU B 72 -16.99 11.78 9.39
CA LEU B 72 -16.07 12.81 9.80
C LEU B 72 -16.24 13.99 8.83
N THR B 73 -16.61 15.13 9.36
CA THR B 73 -16.84 16.34 8.55
C THR B 73 -15.72 17.32 8.86
N ILE B 74 -15.01 17.77 7.82
CA ILE B 74 -13.97 18.78 7.97
C ILE B 74 -14.45 19.98 7.16
N SER B 75 -14.85 21.03 7.83
CA SER B 75 -15.29 22.24 7.13
C SER B 75 -14.09 23.11 6.80
N GLY B 76 -14.20 23.92 5.74
CA GLY B 76 -13.11 24.81 5.38
C GLY B 76 -11.77 24.10 5.28
N THR B 77 -11.74 23.00 4.51
CA THR B 77 -10.55 22.15 4.52
CA THR B 77 -10.56 22.14 4.47
C THR B 77 -9.34 22.93 4.07
N GLN B 78 -8.23 22.71 4.78
CA GLN B 78 -6.96 23.39 4.52
C GLN B 78 -5.95 22.39 4.01
N GLY B 79 -4.94 22.91 3.31
CA GLY B 79 -3.87 22.06 2.82
C GLY B 79 -3.39 21.07 3.88
N MET B 80 -3.21 21.57 5.10
CA MET B 80 -2.70 20.79 6.22
C MET B 80 -3.60 19.61 6.59
N ASP B 81 -4.83 19.58 6.08
CA ASP B 81 -5.72 18.46 6.35
C ASP B 81 -5.50 17.28 5.43
N GLU B 82 -4.62 17.42 4.44
CA GLU B 82 -4.33 16.29 3.57
C GLU B 82 -3.69 15.19 4.41
N ALA B 83 -4.26 13.99 4.34
CA ALA B 83 -3.86 12.92 5.24
C ALA B 83 -4.71 11.70 4.95
N ASP B 84 -4.37 10.57 5.61
CA ASP B 84 -5.19 9.38 5.63
C ASP B 84 -6.04 9.40 6.90
N TYR B 85 -7.31 9.06 6.77
CA TYR B 85 -8.25 9.11 7.88
C TYR B 85 -8.83 7.73 8.11
N TYR B 86 -8.75 7.25 9.36
CA TYR B 86 -9.24 5.93 9.74
C TYR B 86 -10.40 6.07 10.71
N CYS B 87 -11.48 5.36 10.43
CA CYS B 87 -12.52 5.22 11.43
C CYS B 87 -12.23 3.96 12.25
N GLN B 88 -12.86 3.90 13.41
CA GLN B 88 -12.69 2.79 14.33
C GLN B 88 -14.01 2.67 15.06
N ALA B 89 -14.51 1.44 15.19
CA ALA B 89 -15.72 1.14 15.94
C ALA B 89 -15.38 0.23 17.10
N TRP B 90 -16.00 0.48 18.24
CA TRP B 90 -15.73 -0.27 19.46
C TRP B 90 -17.05 -0.67 20.09
N ASP B 91 -17.16 -1.96 20.41
CA ASP B 91 -18.26 -2.50 21.24
C ASP B 91 -17.70 -3.33 22.38
N GLY B 92 -16.43 -3.13 22.75
CA GLY B 92 -15.69 -4.09 23.55
C GLY B 92 -14.55 -4.67 22.74
N THR B 93 -14.82 -4.86 21.45
CA THR B 93 -13.82 -5.25 20.47
C THR B 93 -13.60 -4.07 19.54
N THR B 94 -12.39 -3.99 19.01
CA THR B 94 -11.97 -2.91 18.12
C THR B 94 -11.91 -3.37 16.68
N VAL B 95 -12.45 -2.55 15.78
CA VAL B 95 -12.32 -2.77 14.34
C VAL B 95 -11.97 -1.45 13.72
N PHE B 96 -10.99 -1.47 12.82
CA PHE B 96 -10.63 -0.32 12.03
C PHE B 96 -11.18 -0.43 10.61
N GLY B 97 -11.58 0.70 10.07
CA GLY B 97 -11.82 0.83 8.65
C GLY B 97 -10.50 0.81 7.90
N GLY B 98 -10.61 0.65 6.57
CA GLY B 98 -9.46 0.51 5.71
C GLY B 98 -8.71 1.80 5.42
N GLY B 99 -9.25 2.93 5.82
CA GLY B 99 -8.62 4.22 5.62
C GLY B 99 -9.13 4.94 4.37
N THR B 100 -9.20 6.26 4.47
CA THR B 100 -9.50 7.13 3.34
C THR B 100 -8.39 8.14 3.19
N LYS B 101 -7.80 8.21 2.00
CA LYS B 101 -6.88 9.28 1.66
C LYS B 101 -7.65 10.51 1.21
N LEU B 102 -7.49 11.60 1.93
CA LEU B 102 -8.07 12.88 1.57
C LEU B 102 -7.03 13.71 0.86
N THR B 103 -7.33 14.10 -0.37
CA THR B 103 -6.48 15.01 -1.14
C THR B 103 -7.17 16.36 -1.16
N VAL B 104 -6.42 17.40 -0.83
CA VAL B 104 -6.92 18.77 -0.94
C VAL B 104 -6.32 19.29 -2.23
N LEU B 105 -7.18 19.48 -3.24
CA LEU B 105 -6.72 19.67 -4.61
C LEU B 105 -5.87 20.92 -4.76
N GLY B 106 -4.67 20.74 -5.29
CA GLY B 106 -3.70 21.80 -5.51
C GLY B 106 -3.46 22.07 -6.96
N GLN B 107 -4.07 21.26 -7.81
CA GLN B 107 -3.99 21.39 -9.27
C GLN B 107 -5.20 20.67 -9.83
N PRO B 108 -5.50 20.84 -11.12
CA PRO B 108 -6.69 20.17 -11.66
C PRO B 108 -6.49 18.66 -11.65
N LYS B 109 -7.61 17.94 -11.67
CA LYS B 109 -7.54 16.49 -11.76
C LYS B 109 -6.95 16.03 -13.09
N ALA B 110 -6.20 14.92 -13.03
CA ALA B 110 -5.55 14.33 -14.19
C ALA B 110 -5.82 12.83 -14.19
N ALA B 111 -6.29 12.35 -15.31
CA ALA B 111 -6.68 10.94 -15.38
C ALA B 111 -5.51 10.05 -15.77
N PRO B 112 -5.46 8.81 -15.25
CA PRO B 112 -4.31 7.95 -15.52
C PRO B 112 -4.24 7.41 -16.93
N SER B 113 -3.01 7.30 -17.43
CA SER B 113 -2.67 6.49 -18.58
C SER B 113 -2.28 5.10 -18.10
N VAL B 114 -2.76 4.06 -18.79
CA VAL B 114 -2.56 2.68 -18.36
C VAL B 114 -1.96 1.91 -19.54
N THR B 115 -0.83 1.26 -19.30
CA THR B 115 -0.22 0.39 -20.28
C THR B 115 -0.15 -1.01 -19.67
N LEU B 116 -0.62 -2.02 -20.40
CA LEU B 116 -0.59 -3.40 -19.90
C LEU B 116 0.21 -4.28 -20.81
N PHE B 117 1.27 -4.92 -20.27
CA PHE B 117 2.07 -5.87 -21.04
C PHE B 117 1.71 -7.31 -20.63
N PRO B 118 1.57 -8.24 -21.58
CA PRO B 118 1.46 -9.66 -21.24
C PRO B 118 2.77 -10.27 -20.79
N PRO B 119 2.76 -11.53 -20.31
CA PRO B 119 4.03 -12.24 -20.08
C PRO B 119 4.81 -12.36 -21.38
N SER B 120 6.13 -12.23 -21.28
CA SER B 120 6.98 -12.43 -22.43
C SER B 120 7.14 -13.91 -22.71
N SER B 121 7.39 -14.25 -23.98
CA SER B 121 7.65 -15.64 -24.32
C SER B 121 8.84 -16.15 -23.55
N GLU B 122 9.84 -15.28 -23.30
N GLU B 122 9.86 -15.30 -23.30
CA GLU B 122 11.03 -15.70 -22.56
CA GLU B 122 11.04 -15.76 -22.56
C GLU B 122 10.70 -16.11 -21.13
C GLU B 122 10.68 -16.14 -21.12
N GLU B 123 9.86 -15.33 -20.44
CA GLU B 123 9.50 -15.67 -19.07
C GLU B 123 8.69 -16.95 -19.03
N LEU B 124 7.77 -17.14 -19.99
CA LEU B 124 7.03 -18.40 -20.05
C LEU B 124 7.95 -19.61 -20.25
N GLN B 125 9.03 -19.43 -21.01
CA GLN B 125 9.97 -20.52 -21.18
C GLN B 125 10.68 -20.84 -19.87
N ALA B 126 10.81 -19.84 -19.00
CA ALA B 126 11.32 -20.02 -17.64
C ALA B 126 10.25 -20.50 -16.66
N ASN B 127 9.12 -20.92 -17.17
CA ASN B 127 8.03 -21.48 -16.36
C ASN B 127 7.44 -20.47 -15.37
N LYS B 128 7.37 -19.18 -15.75
CA LYS B 128 6.76 -18.14 -14.93
C LYS B 128 5.90 -17.26 -15.83
N ALA B 129 5.10 -16.38 -15.24
CA ALA B 129 4.28 -15.47 -16.05
C ALA B 129 3.88 -14.28 -15.20
N THR B 130 4.28 -13.09 -15.65
CA THR B 130 3.99 -11.83 -14.96
C THR B 130 3.30 -10.90 -15.94
N LEU B 131 2.11 -10.39 -15.57
CA LEU B 131 1.47 -9.29 -16.28
C LEU B 131 1.82 -7.99 -15.60
N VAL B 132 2.04 -6.94 -16.40
CA VAL B 132 2.62 -5.68 -15.92
C VAL B 132 1.66 -4.56 -16.27
N CYS B 133 1.15 -3.89 -15.25
CA CYS B 133 0.16 -2.82 -15.43
C CYS B 133 0.75 -1.51 -14.92
N LEU B 134 1.11 -0.63 -15.86
CA LEU B 134 1.79 0.64 -15.55
C LEU B 134 0.84 1.80 -15.66
N ILE B 135 0.82 2.64 -14.64
CA ILE B 135 -0.23 3.64 -14.43
C ILE B 135 0.47 4.97 -14.19
N SER B 136 0.13 5.98 -14.98
CA SER B 136 0.97 7.17 -14.91
C SER B 136 0.15 8.44 -15.15
N ASP B 137 0.76 9.56 -14.78
CA ASP B 137 0.24 10.92 -15.02
C ASP B 137 -1.14 11.15 -14.41
N PHE B 138 -1.37 10.69 -13.17
CA PHE B 138 -2.67 10.86 -12.53
C PHE B 138 -2.58 11.75 -11.28
N TYR B 139 -3.67 12.44 -10.98
CA TYR B 139 -3.77 13.31 -9.81
C TYR B 139 -5.26 13.46 -9.47
N PRO B 140 -5.65 13.27 -8.20
CA PRO B 140 -4.97 12.88 -6.97
C PRO B 140 -4.17 11.61 -7.07
N GLY B 141 -3.20 11.47 -6.20
CA GLY B 141 -2.38 10.28 -6.18
C GLY B 141 -3.04 9.14 -5.45
N ALA B 142 -4.11 8.61 -6.02
CA ALA B 142 -4.85 7.52 -5.41
C ALA B 142 -5.56 6.74 -6.50
N VAL B 143 -5.25 5.44 -6.60
CA VAL B 143 -5.93 4.56 -7.54
C VAL B 143 -6.25 3.24 -6.85
N THR B 144 -7.28 2.57 -7.37
CA THR B 144 -7.63 1.19 -7.08
C THR B 144 -7.37 0.35 -8.31
N VAL B 145 -6.68 -0.77 -8.14
CA VAL B 145 -6.37 -1.66 -9.25
C VAL B 145 -7.07 -2.99 -8.99
N ALA B 146 -7.77 -3.49 -9.98
CA ALA B 146 -8.42 -4.81 -9.89
C ALA B 146 -8.00 -5.62 -11.11
N TRP B 147 -7.61 -6.85 -10.89
CA TRP B 147 -7.28 -7.72 -12.00
C TRP B 147 -8.39 -8.76 -12.16
N LYS B 148 -8.61 -9.17 -13.41
CA LYS B 148 -9.63 -10.13 -13.77
C LYS B 148 -9.05 -11.25 -14.62
N ALA B 149 -9.43 -12.48 -14.29
CA ALA B 149 -9.17 -13.65 -15.12
C ALA B 149 -10.46 -13.90 -15.89
N ASP B 150 -10.40 -13.75 -17.22
CA ASP B 150 -11.60 -13.57 -18.05
C ASP B 150 -12.36 -12.42 -17.41
N SER B 151 -13.58 -12.65 -16.93
CA SER B 151 -14.30 -11.59 -16.23
C SER B 151 -14.28 -11.70 -14.70
N SER B 152 -13.52 -12.64 -14.13
CA SER B 152 -13.64 -12.86 -12.69
C SER B 152 -12.49 -12.23 -11.92
N PRO B 153 -12.77 -11.54 -10.81
CA PRO B 153 -11.69 -10.98 -10.00
C PRO B 153 -10.74 -12.06 -9.52
N VAL B 154 -9.43 -11.80 -9.66
CA VAL B 154 -8.47 -12.81 -9.23
C VAL B 154 -8.46 -12.91 -7.70
N LYS B 155 -8.08 -14.07 -7.23
CA LYS B 155 -8.04 -14.36 -5.82
C LYS B 155 -6.67 -14.17 -5.22
N ALA B 156 -5.63 -14.04 -6.05
CA ALA B 156 -4.26 -14.11 -5.57
C ALA B 156 -3.34 -13.63 -6.67
N GLY B 157 -2.09 -13.34 -6.27
CA GLY B 157 -1.02 -13.04 -7.21
C GLY B 157 -0.75 -11.58 -7.50
N VAL B 158 -1.45 -10.64 -6.84
CA VAL B 158 -1.34 -9.22 -7.19
C VAL B 158 -0.37 -8.50 -6.24
N GLU B 159 0.53 -7.70 -6.81
CA GLU B 159 1.39 -6.81 -6.03
C GLU B 159 1.30 -5.42 -6.64
N THR B 160 0.98 -4.42 -5.83
CA THR B 160 0.69 -3.08 -6.36
C THR B 160 1.43 -2.05 -5.53
N THR B 161 2.08 -1.10 -6.21
CA THR B 161 2.80 -0.09 -5.46
C THR B 161 1.86 0.97 -4.91
N THR B 162 2.33 1.69 -3.88
CA THR B 162 1.69 2.94 -3.54
C THR B 162 2.06 3.98 -4.60
N PRO B 163 1.20 4.96 -4.88
CA PRO B 163 1.55 5.95 -5.91
C PRO B 163 2.73 6.81 -5.46
N SER B 164 3.58 7.16 -6.42
CA SER B 164 4.74 7.98 -6.16
C SER B 164 4.71 9.22 -7.06
N LYS B 165 5.15 10.35 -6.53
CA LYS B 165 5.10 11.59 -7.30
C LYS B 165 6.15 11.62 -8.40
N GLN B 166 5.71 11.87 -9.63
CA GLN B 166 6.56 12.05 -10.80
C GLN B 166 7.19 13.44 -10.80
N SER B 167 8.17 13.61 -11.70
CA SER B 167 8.83 14.91 -11.83
C SER B 167 7.84 16.02 -12.16
N ASN B 168 6.74 15.71 -12.85
CA ASN B 168 5.76 16.73 -13.26
C ASN B 168 4.63 16.95 -12.25
N ASN B 169 4.81 16.46 -11.02
CA ASN B 169 3.86 16.56 -9.91
C ASN B 169 2.58 15.77 -10.10
N LYS B 170 2.49 14.95 -11.14
CA LYS B 170 1.47 13.92 -11.15
C LYS B 170 2.07 12.64 -10.52
N TYR B 171 1.28 11.57 -10.51
CA TYR B 171 1.65 10.36 -9.80
C TYR B 171 1.74 9.19 -10.76
N ALA B 172 2.57 8.20 -10.36
CA ALA B 172 2.71 6.92 -11.03
C ALA B 172 2.54 5.78 -10.05
N ALA B 173 2.10 4.63 -10.57
CA ALA B 173 2.00 3.40 -9.81
C ALA B 173 2.14 2.23 -10.76
N SER B 174 2.46 1.04 -10.22
CA SER B 174 2.48 -0.15 -11.06
C SER B 174 1.87 -1.31 -10.31
N SER B 175 1.31 -2.25 -11.05
CA SER B 175 0.74 -3.43 -10.45
C SER B 175 1.16 -4.64 -11.26
N TYR B 176 1.47 -5.72 -10.57
CA TYR B 176 1.95 -6.95 -11.18
C TYR B 176 1.06 -8.12 -10.80
N LEU B 177 0.74 -8.94 -11.77
CA LEU B 177 -0.04 -10.15 -11.55
C LEU B 177 0.84 -11.33 -11.89
N SER B 178 1.05 -12.22 -10.92
CA SER B 178 1.87 -13.41 -11.11
C SER B 178 0.97 -14.61 -11.36
N LEU B 179 1.26 -15.35 -12.42
CA LEU B 179 0.45 -16.50 -12.83
C LEU B 179 1.38 -17.65 -13.15
N THR B 180 0.83 -18.86 -13.15
CA THR B 180 1.55 -19.93 -13.83
C THR B 180 1.32 -19.83 -15.34
N PRO B 181 2.24 -20.34 -16.14
CA PRO B 181 1.99 -20.38 -17.58
C PRO B 181 0.69 -21.08 -17.91
N GLU B 182 0.34 -22.10 -17.14
N GLU B 182 0.35 -22.12 -17.17
CA GLU B 182 -0.90 -22.84 -17.43
CA GLU B 182 -0.91 -22.82 -17.43
C GLU B 182 -2.12 -21.96 -17.18
C GLU B 182 -2.10 -21.89 -17.23
N GLN B 183 -2.06 -21.09 -16.17
CA GLN B 183 -3.16 -20.17 -15.92
C GLN B 183 -3.25 -19.15 -17.06
N TRP B 184 -2.13 -18.54 -17.43
CA TRP B 184 -2.12 -17.61 -18.55
C TRP B 184 -2.72 -18.22 -19.82
N LYS B 185 -2.28 -19.41 -20.18
CA LYS B 185 -2.68 -19.96 -21.47
C LYS B 185 -4.07 -20.58 -21.46
N SER B 186 -4.66 -20.80 -20.29
CA SER B 186 -5.95 -21.49 -20.23
C SER B 186 -7.13 -20.52 -20.13
N HIS B 187 -6.91 -19.21 -20.05
CA HIS B 187 -7.97 -18.23 -20.07
C HIS B 187 -7.97 -17.50 -21.42
N ARG B 188 -9.13 -16.94 -21.77
CA ARG B 188 -9.25 -16.15 -22.99
C ARG B 188 -8.53 -14.82 -22.84
N SER B 189 -8.54 -14.26 -21.64
CA SER B 189 -7.87 -12.98 -21.42
C SER B 189 -7.73 -12.73 -19.92
N TYR B 190 -6.89 -11.75 -19.61
CA TYR B 190 -6.75 -11.14 -18.29
C TYR B 190 -6.86 -9.63 -18.48
N SER B 191 -7.36 -8.95 -17.46
CA SER B 191 -7.58 -7.50 -17.54
C SER B 191 -7.00 -6.83 -16.31
N CYS B 192 -6.43 -5.65 -16.50
CA CYS B 192 -6.07 -4.70 -15.45
C CYS B 192 -7.09 -3.56 -15.49
N GLN B 193 -7.80 -3.35 -14.39
CA GLN B 193 -8.83 -2.32 -14.31
C GLN B 193 -8.38 -1.29 -13.27
N VAL B 194 -8.29 -0.02 -13.67
CA VAL B 194 -7.78 1.03 -12.80
C VAL B 194 -8.89 2.05 -12.58
N THR B 195 -9.22 2.29 -11.32
CA THR B 195 -10.25 3.25 -10.91
C THR B 195 -9.59 4.46 -10.27
N HIS B 196 -9.98 5.62 -10.76
CA HIS B 196 -9.44 6.90 -10.30
C HIS B 196 -10.59 7.90 -10.29
N GLU B 197 -10.85 8.49 -9.14
CA GLU B 197 -11.87 9.55 -9.05
C GLU B 197 -13.20 9.11 -9.68
N GLY B 198 -13.54 7.84 -9.50
CA GLY B 198 -14.85 7.39 -9.91
C GLY B 198 -14.98 7.02 -11.36
N SER B 199 -13.88 7.08 -12.13
CA SER B 199 -13.79 6.63 -13.51
C SER B 199 -12.84 5.44 -13.58
N THR B 200 -13.06 4.57 -14.56
CA THR B 200 -12.29 3.33 -14.65
CA THR B 200 -12.29 3.34 -14.64
C THR B 200 -11.78 3.14 -16.06
N VAL B 201 -10.53 2.71 -16.14
CA VAL B 201 -9.87 2.32 -17.37
C VAL B 201 -9.49 0.86 -17.26
N GLU B 202 -9.88 0.05 -18.24
CA GLU B 202 -9.59 -1.37 -18.22
C GLU B 202 -8.86 -1.76 -19.50
N LYS B 203 -7.66 -2.29 -19.35
CA LYS B 203 -6.94 -2.81 -20.50
C LYS B 203 -6.89 -4.33 -20.36
N THR B 204 -6.87 -5.02 -21.52
CA THR B 204 -7.01 -6.47 -21.55
C THR B 204 -6.02 -7.07 -22.52
N VAL B 205 -5.39 -8.19 -22.14
CA VAL B 205 -4.47 -8.91 -23.02
C VAL B 205 -4.86 -10.39 -23.07
N ALA B 206 -4.46 -11.04 -24.17
CA ALA B 206 -4.86 -12.42 -24.42
C ALA B 206 -3.64 -13.24 -24.83
N PRO B 207 -3.60 -14.53 -24.47
CA PRO B 207 -2.41 -15.32 -24.80
C PRO B 207 -2.15 -15.41 -26.29
N THR B 208 -3.18 -15.37 -27.11
CA THR B 208 -3.02 -15.34 -28.57
C THR B 208 -2.77 -13.89 -29.00
N GLU B 209 -1.50 -13.49 -28.91
CA GLU B 209 -1.09 -12.14 -29.30
C GLU B 209 0.34 -12.13 -29.85
#